data_5BVP
#
_entry.id   5BVP
#
_cell.length_a   50.928
_cell.length_b   56.285
_cell.length_c   191.704
_cell.angle_alpha   90.000
_cell.angle_beta   90.000
_cell.angle_gamma   90.000
#
_symmetry.space_group_name_H-M   'P 21 21 21'
#
loop_
_entity.id
_entity.type
_entity.pdbx_description
1 polymer 'canakinumab Fab heavy-chain'
2 polymer 'Interleukin-1 beta'
3 polymer 'Canakinumab Fab light-chain'
4 non-polymer 'CHLORIDE ION'
5 water water
#
loop_
_entity_poly.entity_id
_entity_poly.type
_entity_poly.pdbx_seq_one_letter_code
_entity_poly.pdbx_strand_id
1 'polypeptide(L)'
;(PCA)VQLVESGGGVVQPGRSLRLSCAASGFTFSVYGMNWVRQAPGKGLEWVAIIWYDGDNQYYADSVKGRFTISRDNSK
NTLYLQMNGLRAEDTAVYYCARDLRTGPFDYWGQGTLVTVSSASTKGPSVFPLAPSSKSTSGGTAALGCLVKDYFPEPVT
VSWNSGALTSGVHTFPAVLQSSGLYSLSSVVTVPSSSLGTQTYICNVNHKPSNTKVDKRVEPKSCDKTH
;
H
2 'polypeptide(L)'
;APVRSLNCTLRDSQQKSLVMSGPYELKALHLQGQDMEQQVVFSMSFVQGEESNDKIPVALGLKEKNLYLSCVLKDDKPTL
QLESVDPKNYPKKKMEKRFVFNKIEINNKLEFESAQFPNWYISTSQAENMPVFLGGTKGGQDITDFTMQFVSS
;
I
3 'polypeptide(L)'
;EIVLTQSPDFQSVTPKEKVTITCRASQSIGSSLHWYQQKPDQSPKLLIKYASQSFSGVPSRFSGSGSGTDFTLTINSLEA
EDAAAYYCHQSSSLPFTFGPGTKVDIKRTVAAPSVFIFPPSDEQLKSGTASVVCLLNNFYPREAKVQWKVDNALQSGNSQ
ESVTEQDSKDSTYSLSSTLTLSKADYEKHKVYACEVTHQGLSSPVTKSFNRGEC
;
L
#
# COMPACT_ATOMS: atom_id res chain seq x y z
N VAL A 2 -8.38 17.24 8.65
CA VAL A 2 -7.68 17.00 7.40
C VAL A 2 -8.55 16.16 6.46
N GLN A 3 -8.80 16.64 5.22
CA GLN A 3 -9.58 15.91 4.25
C GLN A 3 -8.88 15.90 2.90
N LEU A 4 -8.76 14.72 2.30
CA LEU A 4 -8.18 14.55 0.96
C LEU A 4 -9.22 13.79 0.13
N VAL A 5 -9.64 14.35 -1.03
CA VAL A 5 -10.66 13.75 -1.90
C VAL A 5 -10.17 13.63 -3.36
N GLU A 6 -9.89 12.38 -3.82
CA GLU A 6 -9.44 12.11 -5.18
C GLU A 6 -10.66 12.02 -6.09
N SER A 7 -10.47 12.37 -7.37
CA SER A 7 -11.46 12.25 -8.44
C SER A 7 -10.73 12.06 -9.74
N GLY A 8 -11.39 11.44 -10.72
CA GLY A 8 -10.81 11.28 -12.05
C GLY A 8 -10.52 9.87 -12.54
N GLY A 9 -10.66 8.90 -11.66
CA GLY A 9 -10.48 7.50 -12.05
C GLY A 9 -11.57 7.01 -13.01
N GLY A 10 -11.23 6.01 -13.80
CA GLY A 10 -12.17 5.43 -14.75
C GLY A 10 -11.47 4.50 -15.71
N VAL A 11 -12.21 4.04 -16.71
CA VAL A 11 -11.70 3.14 -17.74
C VAL A 11 -11.02 3.98 -18.84
N VAL A 12 -9.77 3.62 -19.16
CA VAL A 12 -8.96 4.28 -20.18
C VAL A 12 -8.28 3.22 -21.07
N GLN A 13 -8.15 3.52 -22.38
CA GLN A 13 -7.52 2.66 -23.37
C GLN A 13 -5.98 2.73 -23.21
N PRO A 14 -5.21 1.63 -23.47
CA PRO A 14 -3.76 1.69 -23.29
C PRO A 14 -3.09 2.51 -24.36
N GLY A 15 -2.21 3.41 -23.91
CA GLY A 15 -1.47 4.35 -24.75
C GLY A 15 -2.02 5.76 -24.61
N ARG A 16 -3.28 5.87 -24.11
CA ARG A 16 -3.99 7.14 -23.90
C ARG A 16 -3.62 7.79 -22.55
N SER A 17 -4.22 8.95 -22.25
CA SER A 17 -3.93 9.72 -21.03
C SER A 17 -5.14 10.02 -20.13
N LEU A 18 -4.87 10.24 -18.83
CA LEU A 18 -5.86 10.55 -17.81
C LEU A 18 -5.28 11.45 -16.70
N ARG A 19 -6.10 12.42 -16.25
CA ARG A 19 -5.77 13.37 -15.19
C ARG A 19 -6.51 13.02 -13.89
N LEU A 20 -5.75 12.88 -12.78
CA LEU A 20 -6.32 12.63 -11.48
C LEU A 20 -6.23 13.91 -10.70
N SER A 21 -7.20 14.15 -9.83
CA SER A 21 -7.23 15.32 -8.95
C SER A 21 -7.33 14.88 -7.48
N CYS A 22 -6.90 15.72 -6.57
CA CYS A 22 -7.01 15.46 -5.15
C CYS A 22 -7.18 16.81 -4.47
N ALA A 23 -8.40 17.09 -3.95
CA ALA A 23 -8.70 18.35 -3.27
C ALA A 23 -8.50 18.22 -1.77
N ALA A 24 -7.76 19.16 -1.18
CA ALA A 24 -7.44 19.16 0.24
C ALA A 24 -8.17 20.26 1.00
N SER A 25 -8.39 20.04 2.32
CA SER A 25 -9.02 21.00 3.23
C SER A 25 -8.59 20.67 4.66
N GLY A 26 -8.71 21.64 5.57
CA GLY A 26 -8.45 21.45 6.99
C GLY A 26 -7.02 21.55 7.45
N PHE A 27 -6.13 22.08 6.61
CA PHE A 27 -4.72 22.29 6.90
C PHE A 27 -4.14 23.27 5.89
N THR A 28 -2.98 23.86 6.23
CA THR A 28 -2.26 24.80 5.37
C THR A 28 -1.62 24.01 4.21
N PHE A 29 -2.38 23.76 3.13
CA PHE A 29 -1.93 22.98 1.96
C PHE A 29 -0.62 23.44 1.35
N SER A 30 -0.39 24.75 1.32
CA SER A 30 0.82 25.34 0.71
C SER A 30 2.15 25.04 1.41
N VAL A 31 2.12 24.49 2.64
CA VAL A 31 3.37 24.17 3.36
C VAL A 31 3.63 22.66 3.54
N TYR A 32 2.78 21.78 2.95
CA TYR A 32 2.99 20.32 3.06
C TYR A 32 3.26 19.68 1.73
N GLY A 33 4.14 18.69 1.75
CA GLY A 33 4.43 17.89 0.57
C GLY A 33 3.23 16.97 0.35
N MET A 34 3.00 16.62 -0.92
CA MET A 34 1.91 15.77 -1.35
C MET A 34 2.47 14.65 -2.22
N ASN A 35 1.79 13.50 -2.17
CA ASN A 35 2.21 12.27 -2.84
C ASN A 35 1.07 11.50 -3.47
N TRP A 36 1.42 10.65 -4.44
CA TRP A 36 0.52 9.69 -5.04
C TRP A 36 1.12 8.32 -4.74
N VAL A 37 0.29 7.41 -4.29
CA VAL A 37 0.64 6.03 -3.94
C VAL A 37 -0.43 5.18 -4.64
N ARG A 38 -0.02 4.06 -5.29
CA ARG A 38 -1.00 3.23 -5.98
C ARG A 38 -1.00 1.80 -5.50
N GLN A 39 -2.10 1.09 -5.78
CA GLN A 39 -2.20 -0.30 -5.39
C GLN A 39 -2.93 -1.08 -6.45
N ALA A 40 -2.24 -2.02 -7.12
CA ALA A 40 -2.85 -2.84 -8.17
C ALA A 40 -3.70 -3.90 -7.44
N PRO A 41 -4.78 -4.45 -8.08
CA PRO A 41 -5.63 -5.42 -7.38
C PRO A 41 -4.84 -6.60 -6.83
N GLY A 42 -5.05 -6.85 -5.54
CA GLY A 42 -4.41 -7.87 -4.73
C GLY A 42 -2.91 -7.71 -4.54
N LYS A 43 -2.38 -6.49 -4.71
CA LYS A 43 -0.93 -6.29 -4.55
C LYS A 43 -0.56 -5.29 -3.45
N GLY A 44 0.74 -5.12 -3.23
CA GLY A 44 1.26 -4.19 -2.22
C GLY A 44 1.13 -2.73 -2.63
N LEU A 45 1.39 -1.81 -1.67
CA LEU A 45 1.38 -0.36 -1.94
C LEU A 45 2.66 -0.03 -2.71
N GLU A 46 2.55 0.88 -3.69
CA GLU A 46 3.68 1.34 -4.50
C GLU A 46 3.68 2.87 -4.52
N TRP A 47 4.80 3.48 -4.06
CA TRP A 47 4.95 4.93 -4.08
C TRP A 47 5.15 5.36 -5.52
N VAL A 48 4.37 6.36 -5.96
CA VAL A 48 4.40 6.87 -7.32
C VAL A 48 5.22 8.15 -7.47
N ALA A 49 4.86 9.20 -6.70
CA ALA A 49 5.55 10.49 -6.82
C ALA A 49 5.32 11.40 -5.63
N ILE A 50 6.23 12.38 -5.47
CA ILE A 50 6.21 13.44 -4.47
C ILE A 50 6.33 14.78 -5.17
N ILE A 51 5.67 15.79 -4.62
CA ILE A 51 5.77 17.18 -4.98
C ILE A 51 6.00 17.94 -3.68
N TRP A 52 7.10 18.69 -3.58
CA TRP A 52 7.34 19.47 -2.37
C TRP A 52 6.33 20.61 -2.27
N TYR A 53 6.10 21.11 -1.03
CA TYR A 53 5.13 22.16 -0.66
C TYR A 53 4.88 23.29 -1.65
N ASP A 54 5.96 23.92 -2.18
CA ASP A 54 5.89 25.05 -3.11
C ASP A 54 5.77 24.63 -4.57
N GLY A 55 5.88 23.32 -4.85
CA GLY A 55 5.79 22.82 -6.22
C GLY A 55 6.98 23.11 -7.13
N ASP A 56 8.12 23.61 -6.55
CA ASP A 56 9.32 23.89 -7.36
C ASP A 56 10.15 22.63 -7.60
N ASN A 57 9.77 21.53 -6.96
CA ASN A 57 10.42 20.25 -7.17
C ASN A 57 9.49 19.08 -6.99
N GLN A 58 9.87 17.98 -7.61
CA GLN A 58 9.13 16.74 -7.55
C GLN A 58 10.07 15.55 -7.74
N TYR A 59 9.59 14.34 -7.45
CA TYR A 59 10.36 13.12 -7.64
C TYR A 59 9.42 11.95 -7.96
N TYR A 60 9.83 11.06 -8.88
CA TYR A 60 9.05 9.91 -9.31
C TYR A 60 9.74 8.59 -9.07
N ALA A 61 8.92 7.54 -8.88
CA ALA A 61 9.44 6.17 -8.85
C ALA A 61 9.90 5.86 -10.30
N ASP A 62 10.88 4.94 -10.49
CA ASP A 62 11.33 4.52 -11.85
C ASP A 62 10.18 4.01 -12.71
N SER A 63 9.24 3.25 -12.12
CA SER A 63 8.10 2.66 -12.82
C SER A 63 7.21 3.67 -13.61
N VAL A 64 7.18 4.94 -13.17
CA VAL A 64 6.35 6.02 -13.73
C VAL A 64 7.17 7.18 -14.30
N LYS A 65 8.47 7.22 -13.97
CA LYS A 65 9.44 8.21 -14.40
C LYS A 65 9.34 8.40 -15.92
N GLY A 66 8.98 9.62 -16.33
CA GLY A 66 8.83 10.01 -17.72
C GLY A 66 7.42 9.86 -18.26
N ARG A 67 6.67 8.84 -17.79
CA ARG A 67 5.31 8.66 -18.29
C ARG A 67 4.30 9.50 -17.49
N PHE A 68 4.59 9.74 -16.20
CA PHE A 68 3.70 10.48 -15.31
C PHE A 68 4.22 11.87 -14.95
N THR A 69 3.29 12.79 -14.66
CA THR A 69 3.59 14.17 -14.25
C THR A 69 2.76 14.56 -13.00
N ILE A 70 3.44 14.85 -11.88
CA ILE A 70 2.85 15.32 -10.63
C ILE A 70 2.93 16.84 -10.61
N SER A 71 1.83 17.49 -10.22
CA SER A 71 1.74 18.95 -10.14
C SER A 71 0.72 19.32 -9.07
N ARG A 72 0.70 20.62 -8.72
CA ARG A 72 -0.22 21.16 -7.72
C ARG A 72 -0.58 22.59 -8.03
N ASP A 73 -1.65 23.07 -7.38
CA ASP A 73 -2.18 24.43 -7.47
C ASP A 73 -2.52 24.80 -6.00
N ASN A 74 -1.63 25.55 -5.34
CA ASN A 74 -1.78 25.96 -3.94
C ASN A 74 -2.94 26.93 -3.69
N SER A 75 -3.37 27.67 -4.74
CA SER A 75 -4.48 28.60 -4.65
C SER A 75 -5.81 27.85 -4.62
N LYS A 76 -5.85 26.62 -5.20
CA LYS A 76 -7.08 25.83 -5.24
C LYS A 76 -6.99 24.64 -4.29
N ASN A 77 -5.85 24.52 -3.55
CA ASN A 77 -5.62 23.42 -2.59
C ASN A 77 -5.75 22.06 -3.31
N THR A 78 -5.25 21.98 -4.56
CA THR A 78 -5.41 20.79 -5.37
C THR A 78 -4.10 20.18 -5.82
N LEU A 79 -4.04 18.84 -5.78
CA LEU A 79 -2.91 18.05 -6.22
C LEU A 79 -3.33 17.32 -7.50
N TYR A 80 -2.43 17.28 -8.49
CA TYR A 80 -2.66 16.63 -9.77
C TYR A 80 -1.70 15.49 -10.09
N LEU A 81 -2.16 14.58 -10.94
CA LEU A 81 -1.38 13.52 -11.55
C LEU A 81 -1.86 13.37 -12.99
N GLN A 82 -0.95 13.58 -13.92
CA GLN A 82 -1.18 13.43 -15.34
C GLN A 82 -0.48 12.15 -15.73
N MET A 83 -1.25 11.20 -16.23
CA MET A 83 -0.77 9.88 -16.62
C MET A 83 -0.83 9.73 -18.14
N ASN A 84 0.31 9.39 -18.75
CA ASN A 84 0.46 9.17 -20.19
C ASN A 84 1.05 7.79 -20.39
N GLY A 85 0.83 7.23 -21.58
CA GLY A 85 1.35 5.92 -21.98
C GLY A 85 0.88 4.81 -21.07
N LEU A 86 -0.34 4.96 -20.52
CA LEU A 86 -1.01 4.04 -19.62
C LEU A 86 -1.04 2.64 -20.22
N ARG A 87 -0.73 1.63 -19.39
CA ARG A 87 -0.67 0.24 -19.81
C ARG A 87 -1.44 -0.60 -18.79
N ALA A 88 -1.76 -1.89 -19.12
CA ALA A 88 -2.49 -2.80 -18.22
C ALA A 88 -1.98 -2.83 -16.76
N GLU A 89 -0.64 -2.78 -16.56
CA GLU A 89 0.07 -2.77 -15.27
C GLU A 89 -0.31 -1.54 -14.43
N ASP A 90 -0.73 -0.45 -15.09
CA ASP A 90 -1.11 0.79 -14.43
C ASP A 90 -2.50 0.73 -13.74
N THR A 91 -3.26 -0.35 -13.99
CA THR A 91 -4.56 -0.56 -13.35
C THR A 91 -4.33 -0.68 -11.84
N ALA A 92 -4.86 0.28 -11.08
CA ALA A 92 -4.66 0.40 -9.64
C ALA A 92 -5.60 1.40 -9.04
N VAL A 93 -5.71 1.38 -7.71
CA VAL A 93 -6.41 2.39 -6.97
C VAL A 93 -5.29 3.42 -6.70
N TYR A 94 -5.54 4.68 -7.02
CA TYR A 94 -4.55 5.72 -6.81
C TYR A 94 -4.96 6.53 -5.61
N TYR A 95 -4.10 6.61 -4.59
CA TYR A 95 -4.35 7.40 -3.40
C TYR A 95 -3.49 8.67 -3.42
N CYS A 96 -4.05 9.79 -2.97
CA CYS A 96 -3.20 10.94 -2.72
C CYS A 96 -2.90 10.92 -1.16
N ALA A 97 -1.70 11.36 -0.77
CA ALA A 97 -1.34 11.36 0.66
C ALA A 97 -0.41 12.52 0.95
N ARG A 98 -0.68 13.18 2.07
CA ARG A 98 0.15 14.25 2.59
C ARG A 98 1.32 13.62 3.32
N ASP A 99 2.48 14.25 3.25
CA ASP A 99 3.60 13.75 4.06
C ASP A 99 3.90 14.75 5.18
N LEU A 100 4.47 14.27 6.25
CA LEU A 100 4.91 15.10 7.35
C LEU A 100 6.47 15.21 7.22
N ARG A 101 7.02 16.43 7.04
CA ARG A 101 8.47 16.67 6.92
C ARG A 101 9.16 15.79 5.85
N THR A 102 8.43 15.40 4.76
CA THR A 102 8.94 14.50 3.68
C THR A 102 9.25 13.11 4.30
N GLY A 103 8.49 12.78 5.33
CA GLY A 103 8.61 11.54 6.08
C GLY A 103 7.43 10.62 5.89
N PRO A 104 6.66 10.39 6.96
CA PRO A 104 5.50 9.50 6.83
C PRO A 104 4.36 10.16 6.05
N PHE A 105 3.49 9.31 5.46
CA PHE A 105 2.28 9.73 4.76
C PHE A 105 1.22 9.74 5.87
N ASP A 106 1.02 10.89 6.49
CA ASP A 106 0.12 11.02 7.64
C ASP A 106 -1.37 11.05 7.39
N TYR A 107 -1.81 11.53 6.19
CA TYR A 107 -3.24 11.58 5.80
C TYR A 107 -3.39 11.11 4.41
N TRP A 108 -4.39 10.24 4.20
CA TRP A 108 -4.64 9.61 2.90
C TRP A 108 -6.03 9.94 2.39
N GLY A 109 -6.17 10.00 1.07
CA GLY A 109 -7.48 10.18 0.45
C GLY A 109 -8.19 8.83 0.41
N GLN A 110 -9.42 8.79 -0.14
CA GLN A 110 -10.17 7.52 -0.26
C GLN A 110 -9.73 6.62 -1.45
N GLY A 111 -8.98 7.18 -2.38
CA GLY A 111 -8.51 6.45 -3.57
C GLY A 111 -9.46 6.54 -4.75
N THR A 112 -8.89 6.51 -5.95
CA THR A 112 -9.62 6.52 -7.21
C THR A 112 -9.10 5.37 -8.09
N LEU A 113 -10.03 4.54 -8.62
CA LEU A 113 -9.69 3.38 -9.44
C LEU A 113 -9.48 3.78 -10.87
N VAL A 114 -8.33 3.39 -11.40
CA VAL A 114 -7.93 3.64 -12.79
C VAL A 114 -7.87 2.26 -13.44
N THR A 115 -8.67 2.06 -14.50
CA THR A 115 -8.76 0.78 -15.19
C THR A 115 -8.15 0.96 -16.57
N VAL A 116 -7.02 0.28 -16.85
CA VAL A 116 -6.40 0.40 -18.17
C VAL A 116 -6.66 -0.87 -18.95
N SER A 117 -7.51 -0.77 -20.01
CA SER A 117 -7.91 -1.91 -20.84
C SER A 117 -8.44 -1.51 -22.22
N SER A 118 -8.35 -2.46 -23.17
CA SER A 118 -8.86 -2.31 -24.53
C SER A 118 -10.26 -2.97 -24.61
N ALA A 119 -10.74 -3.54 -23.48
CA ALA A 119 -12.03 -4.21 -23.41
C ALA A 119 -13.23 -3.26 -23.51
N SER A 120 -14.30 -3.72 -24.17
CA SER A 120 -15.55 -2.97 -24.31
C SER A 120 -16.50 -3.38 -23.17
N THR A 121 -17.42 -2.48 -22.78
CA THR A 121 -18.44 -2.73 -21.77
C THR A 121 -19.26 -3.97 -22.19
N LYS A 122 -19.41 -4.95 -21.29
CA LYS A 122 -20.17 -6.16 -21.59
C LYS A 122 -20.81 -6.73 -20.34
N GLY A 123 -22.09 -7.07 -20.42
CA GLY A 123 -22.82 -7.73 -19.36
C GLY A 123 -22.42 -9.20 -19.28
N PRO A 124 -22.47 -9.81 -18.08
CA PRO A 124 -22.05 -11.22 -17.96
C PRO A 124 -23.04 -12.28 -18.43
N SER A 125 -22.52 -13.50 -18.65
CA SER A 125 -23.28 -14.72 -18.93
C SER A 125 -23.37 -15.39 -17.54
N VAL A 126 -24.57 -15.83 -17.12
CA VAL A 126 -24.74 -16.43 -15.80
C VAL A 126 -25.09 -17.92 -15.95
N PHE A 127 -24.19 -18.82 -15.50
CA PHE A 127 -24.44 -20.27 -15.57
C PHE A 127 -24.67 -20.90 -14.21
N PRO A 128 -25.53 -21.93 -14.12
CA PRO A 128 -25.74 -22.58 -12.81
C PRO A 128 -24.58 -23.50 -12.38
N LEU A 129 -24.34 -23.57 -11.08
CA LEU A 129 -23.40 -24.48 -10.44
C LEU A 129 -24.38 -25.37 -9.63
N ALA A 130 -24.99 -26.34 -10.35
CA ALA A 130 -26.04 -27.26 -9.89
C ALA A 130 -25.68 -28.08 -8.66
N PRO A 131 -26.59 -28.22 -7.67
CA PRO A 131 -26.25 -29.00 -6.48
C PRO A 131 -26.13 -30.50 -6.83
N SER A 132 -25.08 -31.17 -6.33
CA SER A 132 -24.78 -32.57 -6.65
C SER A 132 -25.89 -33.56 -6.26
N SER A 133 -26.05 -34.64 -7.04
CA SER A 133 -27.06 -35.68 -6.76
C SER A 133 -26.60 -36.55 -5.58
N LYS A 134 -25.30 -36.47 -5.24
CA LYS A 134 -24.68 -37.21 -4.15
C LYS A 134 -24.94 -36.63 -2.74
N SER A 135 -25.53 -35.40 -2.66
CA SER A 135 -25.90 -34.69 -1.41
C SER A 135 -26.83 -35.58 -0.54
N THR A 136 -26.32 -36.03 0.63
CA THR A 136 -27.02 -36.96 1.53
C THR A 136 -27.98 -36.38 2.54
N SER A 137 -28.85 -37.28 3.08
CA SER A 137 -29.88 -36.96 4.09
C SER A 137 -29.28 -36.31 5.31
N GLY A 138 -29.91 -35.21 5.72
CA GLY A 138 -29.49 -34.41 6.87
C GLY A 138 -28.16 -33.73 6.70
N GLY A 139 -27.64 -33.75 5.48
CA GLY A 139 -26.37 -33.11 5.14
C GLY A 139 -26.56 -31.76 4.45
N THR A 140 -25.46 -31.18 3.99
CA THR A 140 -25.44 -29.90 3.33
C THR A 140 -25.19 -30.08 1.81
N ALA A 141 -25.76 -29.19 1.00
CA ALA A 141 -25.49 -29.17 -0.43
C ALA A 141 -25.01 -27.78 -0.79
N ALA A 142 -24.05 -27.68 -1.72
CA ALA A 142 -23.59 -26.39 -2.22
C ALA A 142 -24.10 -26.23 -3.64
N LEU A 143 -24.52 -25.00 -3.95
CA LEU A 143 -24.94 -24.61 -5.27
C LEU A 143 -24.44 -23.17 -5.53
N GLY A 144 -24.47 -22.73 -6.77
CA GLY A 144 -24.03 -21.37 -7.05
C GLY A 144 -24.34 -20.86 -8.44
N CYS A 145 -23.71 -19.75 -8.78
CA CYS A 145 -23.84 -19.08 -10.06
C CYS A 145 -22.47 -18.65 -10.55
N LEU A 146 -22.10 -19.11 -11.73
CA LEU A 146 -20.89 -18.68 -12.39
C LEU A 146 -21.26 -17.44 -13.24
N VAL A 147 -20.75 -16.27 -12.85
CA VAL A 147 -20.99 -14.99 -13.50
C VAL A 147 -19.76 -14.79 -14.37
N LYS A 148 -19.89 -15.02 -15.70
CA LYS A 148 -18.72 -14.98 -16.56
C LYS A 148 -18.69 -13.91 -17.66
N ASP A 149 -17.47 -13.40 -17.94
CA ASP A 149 -17.17 -12.48 -19.06
C ASP A 149 -17.87 -11.12 -19.03
N TYR A 150 -17.50 -10.27 -18.07
CA TYR A 150 -18.08 -8.93 -17.99
C TYR A 150 -17.01 -7.89 -17.92
N PHE A 151 -17.38 -6.64 -18.27
CA PHE A 151 -16.49 -5.50 -18.20
C PHE A 151 -17.28 -4.19 -18.15
N PRO A 152 -16.89 -3.19 -17.34
CA PRO A 152 -15.85 -3.22 -16.30
C PRO A 152 -16.44 -3.75 -14.99
N GLU A 153 -15.69 -3.62 -13.90
CA GLU A 153 -16.20 -3.98 -12.58
C GLU A 153 -17.08 -2.81 -12.11
N PRO A 154 -18.00 -3.03 -11.15
CA PRO A 154 -18.35 -4.30 -10.49
C PRO A 154 -19.66 -4.95 -10.99
N VAL A 155 -19.86 -6.24 -10.63
CA VAL A 155 -21.13 -6.97 -10.73
C VAL A 155 -21.49 -7.18 -9.26
N THR A 156 -22.79 -7.28 -8.97
CA THR A 156 -23.26 -7.62 -7.64
C THR A 156 -24.08 -8.91 -7.78
N VAL A 157 -24.06 -9.72 -6.72
CA VAL A 157 -24.84 -10.96 -6.65
C VAL A 157 -25.59 -11.01 -5.33
N SER A 158 -26.87 -11.36 -5.36
CA SER A 158 -27.61 -11.62 -4.15
C SER A 158 -28.31 -12.96 -4.37
N TRP A 159 -28.81 -13.56 -3.29
CA TRP A 159 -29.53 -14.83 -3.40
C TRP A 159 -30.93 -14.60 -2.88
N ASN A 160 -31.96 -15.05 -3.65
CA ASN A 160 -33.37 -14.85 -3.30
C ASN A 160 -33.70 -13.39 -2.94
N SER A 161 -33.10 -12.44 -3.68
CA SER A 161 -33.25 -10.99 -3.56
C SER A 161 -32.74 -10.43 -2.23
N GLY A 162 -31.76 -11.13 -1.65
CA GLY A 162 -31.16 -10.77 -0.37
C GLY A 162 -31.81 -11.46 0.81
N ALA A 163 -32.78 -12.36 0.56
CA ALA A 163 -33.47 -13.09 1.62
C ALA A 163 -32.56 -14.15 2.20
N LEU A 164 -31.70 -14.75 1.34
CA LEU A 164 -30.72 -15.77 1.67
C LEU A 164 -29.33 -15.11 1.76
N THR A 165 -28.77 -15.02 2.99
CA THR A 165 -27.47 -14.40 3.27
C THR A 165 -26.47 -15.34 3.97
N SER A 166 -26.95 -16.21 4.89
CA SER A 166 -26.08 -17.16 5.64
C SER A 166 -25.58 -18.25 4.69
N GLY A 167 -24.29 -18.49 4.67
CA GLY A 167 -23.68 -19.51 3.82
C GLY A 167 -23.34 -19.06 2.41
N VAL A 168 -23.58 -17.78 2.07
CA VAL A 168 -23.28 -17.22 0.75
C VAL A 168 -21.81 -16.80 0.70
N HIS A 169 -21.10 -17.10 -0.41
CA HIS A 169 -19.75 -16.61 -0.66
C HIS A 169 -19.70 -16.14 -2.10
N THR A 170 -19.70 -14.84 -2.30
CA THR A 170 -19.54 -14.25 -3.63
C THR A 170 -18.04 -13.92 -3.70
N PHE A 171 -17.33 -14.64 -4.56
CA PHE A 171 -15.88 -14.53 -4.71
C PHE A 171 -15.42 -13.23 -5.37
N PRO A 172 -14.25 -12.67 -4.98
CA PRO A 172 -13.72 -11.49 -5.71
C PRO A 172 -13.49 -11.87 -7.18
N ALA A 173 -13.77 -10.93 -8.09
CA ALA A 173 -13.56 -11.10 -9.54
C ALA A 173 -12.09 -11.44 -9.85
N VAL A 174 -11.88 -12.22 -10.91
CA VAL A 174 -10.55 -12.56 -11.41
C VAL A 174 -10.55 -12.15 -12.87
N LEU A 175 -9.53 -11.41 -13.30
CA LEU A 175 -9.39 -10.97 -14.68
C LEU A 175 -8.85 -12.15 -15.51
N GLN A 176 -9.59 -12.56 -16.57
CA GLN A 176 -9.25 -13.66 -17.49
C GLN A 176 -8.35 -13.18 -18.63
N SER A 177 -7.69 -14.12 -19.34
CA SER A 177 -6.78 -13.88 -20.48
C SER A 177 -7.34 -12.89 -21.51
N SER A 178 -8.67 -12.99 -21.78
CA SER A 178 -9.46 -12.18 -22.73
C SER A 178 -9.58 -10.69 -22.35
N GLY A 179 -9.33 -10.35 -21.08
CA GLY A 179 -9.44 -8.99 -20.58
C GLY A 179 -10.80 -8.75 -19.96
N LEU A 180 -11.56 -9.83 -19.77
CA LEU A 180 -12.90 -9.82 -19.16
C LEU A 180 -12.86 -10.43 -17.78
N TYR A 181 -13.76 -9.97 -16.92
CA TYR A 181 -13.89 -10.45 -15.54
C TYR A 181 -14.82 -11.64 -15.41
N SER A 182 -14.58 -12.47 -14.40
CA SER A 182 -15.37 -13.64 -14.07
C SER A 182 -15.34 -13.88 -12.55
N LEU A 183 -16.47 -14.34 -11.98
CA LEU A 183 -16.58 -14.71 -10.58
C LEU A 183 -17.69 -15.72 -10.39
N SER A 184 -17.71 -16.41 -9.26
CA SER A 184 -18.80 -17.31 -8.91
C SER A 184 -19.32 -16.90 -7.55
N SER A 185 -20.62 -17.09 -7.30
CA SER A 185 -21.28 -16.85 -6.03
C SER A 185 -21.85 -18.19 -5.65
N VAL A 186 -21.53 -18.66 -4.45
CA VAL A 186 -22.04 -19.96 -4.00
C VAL A 186 -22.84 -19.79 -2.75
N VAL A 187 -23.63 -20.80 -2.41
CA VAL A 187 -24.38 -20.84 -1.17
C VAL A 187 -24.48 -22.30 -0.75
N THR A 188 -24.34 -22.56 0.55
CA THR A 188 -24.52 -23.89 1.10
C THR A 188 -25.88 -23.87 1.79
N VAL A 189 -26.64 -24.95 1.57
CA VAL A 189 -28.02 -25.09 2.04
C VAL A 189 -28.30 -26.53 2.47
N PRO A 190 -29.37 -26.78 3.26
CA PRO A 190 -29.71 -28.16 3.59
C PRO A 190 -30.03 -28.95 2.33
N SER A 191 -29.49 -30.16 2.24
CA SER A 191 -29.71 -31.05 1.10
C SER A 191 -31.21 -31.38 0.96
N SER A 192 -31.96 -31.41 2.09
CA SER A 192 -33.39 -31.70 2.15
C SER A 192 -34.28 -30.55 1.63
N SER A 193 -33.71 -29.34 1.53
CA SER A 193 -34.40 -28.13 1.08
C SER A 193 -34.44 -28.05 -0.45
N LEU A 194 -33.70 -28.94 -1.16
CA LEU A 194 -33.57 -28.89 -2.62
C LEU A 194 -34.84 -29.00 -3.46
N GLY A 195 -35.82 -29.75 -2.98
CA GLY A 195 -37.11 -29.90 -3.66
C GLY A 195 -38.11 -28.84 -3.21
N THR A 196 -38.14 -28.52 -1.91
CA THR A 196 -39.09 -27.56 -1.34
C THR A 196 -38.68 -26.06 -1.49
N GLN A 197 -37.37 -25.74 -1.50
CA GLN A 197 -36.92 -24.35 -1.59
C GLN A 197 -36.36 -23.97 -2.96
N THR A 198 -36.75 -22.77 -3.45
CA THR A 198 -36.31 -22.23 -4.74
C THR A 198 -35.09 -21.32 -4.55
N TYR A 199 -34.01 -21.56 -5.32
CA TYR A 199 -32.79 -20.76 -5.18
C TYR A 199 -32.50 -19.98 -6.44
N ILE A 200 -32.49 -18.64 -6.33
CA ILE A 200 -32.27 -17.74 -7.45
C ILE A 200 -31.13 -16.78 -7.14
N CYS A 201 -30.12 -16.73 -8.01
CA CYS A 201 -29.06 -15.75 -7.85
C CYS A 201 -29.47 -14.53 -8.67
N ASN A 202 -29.34 -13.32 -8.09
CA ASN A 202 -29.67 -12.06 -8.76
C ASN A 202 -28.37 -11.35 -9.05
N VAL A 203 -28.01 -11.32 -10.34
CA VAL A 203 -26.78 -10.70 -10.81
C VAL A 203 -27.07 -9.31 -11.39
N ASN A 204 -26.29 -8.29 -10.98
CA ASN A 204 -26.50 -6.96 -11.50
C ASN A 204 -25.22 -6.32 -11.98
N HIS A 205 -25.18 -5.92 -13.26
CA HIS A 205 -24.05 -5.24 -13.86
C HIS A 205 -24.56 -3.89 -14.41
N LYS A 206 -24.44 -2.81 -13.59
CA LYS A 206 -24.88 -1.44 -13.93
C LYS A 206 -24.19 -0.87 -15.18
N PRO A 207 -22.84 -0.99 -15.38
CA PRO A 207 -22.23 -0.40 -16.60
C PRO A 207 -22.84 -0.80 -17.94
N SER A 208 -23.50 -1.98 -17.99
CA SER A 208 -24.17 -2.49 -19.20
C SER A 208 -25.68 -2.63 -18.97
N ASN A 209 -26.17 -2.28 -17.75
CA ASN A 209 -27.59 -2.39 -17.35
C ASN A 209 -28.09 -3.85 -17.47
N THR A 210 -27.25 -4.82 -17.04
CA THR A 210 -27.60 -6.24 -17.14
C THR A 210 -28.06 -6.78 -15.79
N LYS A 211 -29.36 -7.08 -15.70
CA LYS A 211 -29.94 -7.69 -14.51
C LYS A 211 -30.33 -9.08 -14.95
N VAL A 212 -29.84 -10.11 -14.25
CA VAL A 212 -30.14 -11.51 -14.56
C VAL A 212 -30.54 -12.22 -13.24
N ASP A 213 -31.69 -12.89 -13.24
CA ASP A 213 -32.23 -13.66 -12.10
C ASP A 213 -32.18 -15.13 -12.50
N LYS A 214 -31.14 -15.87 -12.08
CA LYS A 214 -30.95 -17.26 -12.50
C LYS A 214 -31.39 -18.29 -11.48
N ARG A 215 -32.31 -19.22 -11.89
CA ARG A 215 -32.77 -20.30 -11.03
C ARG A 215 -31.77 -21.44 -11.07
N VAL A 216 -31.35 -21.89 -9.88
CA VAL A 216 -30.35 -22.96 -9.75
C VAL A 216 -31.00 -24.19 -9.20
N GLU A 217 -31.17 -25.15 -10.11
CA GLU A 217 -31.87 -26.40 -9.88
C GLU A 217 -31.00 -27.63 -10.00
N PRO A 218 -31.38 -28.71 -9.28
CA PRO A 218 -30.69 -30.00 -9.46
C PRO A 218 -30.87 -30.46 -10.91
N LYS A 219 -29.81 -31.00 -11.53
CA LYS A 219 -29.90 -31.48 -12.91
C LYS A 219 -30.72 -32.78 -12.96
N SER A 220 -31.30 -33.10 -14.13
CA SER A 220 -32.10 -34.32 -14.33
C SER A 220 -31.62 -35.12 -15.54
N VAL B 3 28.92 8.37 18.77
CA VAL B 3 28.98 9.81 18.94
C VAL B 3 27.62 10.37 19.36
N ARG B 4 27.58 11.01 20.55
CA ARG B 4 26.38 11.63 21.12
C ARG B 4 26.21 13.05 20.56
N SER B 5 24.99 13.32 20.04
CA SER B 5 24.57 14.56 19.41
C SER B 5 23.25 15.09 19.99
N LEU B 6 22.87 16.34 19.66
CA LEU B 6 21.58 16.88 20.06
C LEU B 6 20.62 17.19 18.89
N ASN B 7 19.36 16.74 19.04
CA ASN B 7 18.31 16.92 18.06
C ASN B 7 17.63 18.26 18.24
N CYS B 8 17.56 19.05 17.16
CA CYS B 8 17.06 20.42 17.26
C CYS B 8 16.47 20.94 15.95
N THR B 9 15.81 22.07 16.05
CA THR B 9 15.34 22.83 14.92
C THR B 9 16.10 24.17 15.02
N LEU B 10 16.25 24.86 13.90
CA LEU B 10 16.93 26.15 13.84
C LEU B 10 16.01 27.16 13.21
N ARG B 11 15.92 28.35 13.80
CA ARG B 11 15.15 29.47 13.26
C ARG B 11 16.10 30.66 13.12
N ASP B 12 16.08 31.33 11.96
CA ASP B 12 16.92 32.52 11.77
C ASP B 12 16.49 33.71 12.67
N SER B 13 17.25 34.82 12.65
CA SER B 13 16.97 36.00 13.48
C SER B 13 15.67 36.74 13.13
N GLN B 14 15.04 36.41 11.96
CA GLN B 14 13.76 36.98 11.55
C GLN B 14 12.60 35.98 11.89
N GLN B 15 12.92 34.91 12.67
CA GLN B 15 11.96 33.89 13.14
C GLN B 15 11.41 33.02 12.00
N LYS B 16 12.15 32.96 10.89
CA LYS B 16 11.84 32.08 9.77
C LYS B 16 12.32 30.65 10.09
N SER B 17 11.43 29.66 9.87
CA SER B 17 11.74 28.27 10.10
C SER B 17 12.38 27.65 8.86
N LEU B 18 13.10 26.54 9.06
CA LEU B 18 13.78 25.85 7.96
C LEU B 18 13.04 24.55 7.58
N VAL B 19 12.82 24.34 6.28
CA VAL B 19 12.07 23.17 5.78
C VAL B 19 12.77 22.56 4.58
N MET B 20 12.49 21.26 4.24
CA MET B 20 13.07 20.68 3.03
C MET B 20 12.17 21.11 1.85
N SER B 21 12.80 21.42 0.70
CA SER B 21 12.08 21.83 -0.51
C SER B 21 12.44 20.94 -1.72
N GLY B 22 13.34 20.02 -1.49
CA GLY B 22 13.82 19.12 -2.51
C GLY B 22 14.62 17.98 -1.92
N PRO B 23 15.10 17.05 -2.78
CA PRO B 23 15.97 15.98 -2.27
C PRO B 23 17.17 16.48 -1.45
N TYR B 24 17.83 17.61 -1.85
CA TYR B 24 19.04 18.14 -1.18
C TYR B 24 18.96 19.61 -0.93
N GLU B 25 17.75 20.10 -0.64
CA GLU B 25 17.56 21.53 -0.46
C GLU B 25 16.70 21.88 0.73
N LEU B 26 17.05 23.00 1.42
CA LEU B 26 16.31 23.62 2.51
C LEU B 26 15.91 25.03 2.10
N LYS B 27 14.75 25.49 2.56
CA LYS B 27 14.29 26.86 2.36
C LYS B 27 13.86 27.43 3.72
N ALA B 28 13.89 28.76 3.82
CA ALA B 28 13.51 29.43 5.05
C ALA B 28 12.28 30.24 4.82
N LEU B 29 11.26 30.02 5.65
CA LEU B 29 10.01 30.77 5.52
C LEU B 29 9.30 30.87 6.87
N HIS B 30 8.40 31.83 6.99
CA HIS B 30 7.66 31.95 8.22
C HIS B 30 6.56 30.91 8.15
N LEU B 31 6.39 30.16 9.24
CA LEU B 31 5.34 29.15 9.33
C LEU B 31 4.34 29.58 10.40
N GLN B 32 3.03 29.24 10.21
CA GLN B 32 2.00 29.49 11.23
C GLN B 32 2.29 28.51 12.36
N GLY B 33 1.88 28.86 13.58
CA GLY B 33 2.11 28.06 14.77
C GLY B 33 1.72 26.60 14.65
N GLN B 34 0.58 26.34 13.97
CA GLN B 34 0.04 24.99 13.77
C GLN B 34 0.85 24.15 12.78
N ASP B 35 1.79 24.80 12.04
CA ASP B 35 2.66 24.18 11.04
C ASP B 35 4.12 24.03 11.48
N MET B 36 4.39 24.31 12.76
CA MET B 36 5.67 24.23 13.48
C MET B 36 6.32 22.85 13.35
N GLU B 37 5.50 21.77 13.24
CA GLU B 37 5.98 20.38 13.09
C GLU B 37 6.75 20.16 11.77
N GLN B 38 6.51 21.01 10.74
CA GLN B 38 7.19 20.96 9.44
C GLN B 38 8.67 21.28 9.47
N GLN B 39 9.14 21.92 10.54
CA GLN B 39 10.56 22.30 10.68
C GLN B 39 11.49 21.10 10.55
N VAL B 40 12.53 21.23 9.70
CA VAL B 40 13.51 20.16 9.48
C VAL B 40 14.28 19.91 10.81
N VAL B 41 14.48 18.63 11.13
CA VAL B 41 15.12 18.21 12.39
C VAL B 41 16.62 17.99 12.14
N PHE B 42 17.46 18.78 12.80
CA PHE B 42 18.91 18.64 12.72
C PHE B 42 19.46 17.73 13.83
N SER B 43 20.56 17.00 13.55
CA SER B 43 21.30 16.27 14.55
C SER B 43 22.63 17.02 14.59
N MET B 44 22.81 17.85 15.63
CA MET B 44 24.07 18.56 15.83
C MET B 44 25.02 17.73 16.68
N SER B 45 26.19 17.34 16.10
CA SER B 45 27.19 16.55 16.84
C SER B 45 28.43 17.40 17.10
N PHE B 46 29.11 17.13 18.20
CA PHE B 46 30.33 17.86 18.55
C PHE B 46 31.52 17.10 18.01
N VAL B 47 32.29 17.76 17.14
CA VAL B 47 33.44 17.13 16.50
C VAL B 47 34.78 17.52 17.13
N GLN B 48 35.78 16.62 17.03
CA GLN B 48 37.13 16.83 17.55
C GLN B 48 37.79 17.95 16.77
N GLY B 49 38.07 19.06 17.44
CA GLY B 49 38.69 20.21 16.79
C GLY B 49 38.94 21.47 17.61
N GLU B 50 39.26 22.54 16.87
CA GLU B 50 39.65 23.89 17.29
C GLU B 50 38.70 24.60 18.26
N GLU B 51 39.00 24.51 19.57
CA GLU B 51 38.21 25.14 20.61
C GLU B 51 38.78 26.53 20.96
N SER B 52 38.60 27.47 20.02
CA SER B 52 39.00 28.86 20.14
C SER B 52 37.91 29.56 20.95
N ASN B 53 38.29 30.59 21.75
CA ASN B 53 37.35 31.36 22.58
C ASN B 53 36.13 31.81 21.74
N ASP B 54 34.92 31.34 22.14
CA ASP B 54 33.61 31.59 21.52
C ASP B 54 33.23 30.74 20.28
N LYS B 55 34.09 29.78 19.88
CA LYS B 55 33.87 28.87 18.74
C LYS B 55 33.92 27.39 19.18
N ILE B 56 32.96 26.57 18.70
CA ILE B 56 32.88 25.13 19.00
C ILE B 56 32.63 24.33 17.68
N PRO B 57 33.55 23.40 17.29
CA PRO B 57 33.35 22.63 16.04
C PRO B 57 32.20 21.63 16.10
N VAL B 58 31.22 21.78 15.17
CA VAL B 58 30.02 20.95 15.07
C VAL B 58 29.84 20.38 13.66
N ALA B 59 29.01 19.35 13.56
CA ALA B 59 28.53 18.82 12.30
C ALA B 59 27.00 18.90 12.40
N LEU B 60 26.34 19.21 11.28
CA LEU B 60 24.90 19.32 11.15
C LEU B 60 24.34 18.27 10.18
N GLY B 61 23.85 17.18 10.76
CA GLY B 61 23.14 16.18 9.99
C GLY B 61 21.63 16.42 10.01
N LEU B 62 20.91 15.82 9.07
CA LEU B 62 19.44 15.88 9.07
C LEU B 62 19.10 14.60 9.74
N LYS B 63 18.45 14.66 10.90
CA LYS B 63 18.14 13.46 11.67
C LYS B 63 17.29 12.45 10.88
N GLU B 64 16.35 12.93 10.06
CA GLU B 64 15.41 12.05 9.37
C GLU B 64 15.79 11.68 7.91
N LYS B 65 17.00 12.06 7.49
CA LYS B 65 17.51 11.76 6.13
C LYS B 65 18.95 11.33 6.25
N ASN B 66 19.48 10.63 5.25
CA ASN B 66 20.88 10.20 5.21
C ASN B 66 21.72 11.36 4.63
N LEU B 67 21.58 12.56 5.23
CA LEU B 67 22.22 13.76 4.76
C LEU B 67 22.93 14.54 5.83
N TYR B 68 24.02 15.21 5.42
CA TYR B 68 24.80 16.17 6.21
C TYR B 68 25.02 17.40 5.40
N LEU B 69 25.05 18.56 6.06
CA LEU B 69 25.41 19.81 5.44
C LEU B 69 26.94 19.78 5.23
N SER B 70 27.39 20.22 4.06
CA SER B 70 28.82 20.29 3.80
C SER B 70 29.10 21.52 2.95
N CYS B 71 30.34 21.98 2.98
CA CYS B 71 30.79 23.12 2.21
C CYS B 71 31.89 22.72 1.28
N VAL B 72 31.72 23.08 0.02
CA VAL B 72 32.65 22.79 -1.06
C VAL B 72 32.74 24.04 -1.94
N LEU B 73 33.65 24.04 -2.90
CA LEU B 73 33.78 25.09 -3.89
C LEU B 73 33.09 24.65 -5.19
N LYS B 74 32.42 25.60 -5.86
CA LYS B 74 31.78 25.43 -7.18
C LYS B 74 32.14 26.71 -7.92
N ASP B 75 32.91 26.62 -9.03
CA ASP B 75 33.35 27.79 -9.82
C ASP B 75 34.02 28.90 -8.98
N ASP B 76 34.95 28.51 -8.06
CA ASP B 76 35.72 29.36 -7.14
C ASP B 76 34.85 29.89 -5.99
N LYS B 77 33.61 29.39 -5.88
CA LYS B 77 32.68 29.89 -4.88
C LYS B 77 32.31 28.93 -3.76
N PRO B 78 32.62 29.28 -2.48
CA PRO B 78 32.16 28.44 -1.35
C PRO B 78 30.65 28.23 -1.41
N THR B 79 30.21 26.97 -1.32
CA THR B 79 28.83 26.59 -1.52
C THR B 79 28.36 25.61 -0.44
N LEU B 80 27.13 25.80 0.02
CA LEU B 80 26.53 24.88 0.97
C LEU B 80 25.78 23.77 0.20
N GLN B 81 25.89 22.55 0.67
CA GLN B 81 25.16 21.47 0.04
C GLN B 81 24.72 20.46 1.06
N LEU B 82 23.73 19.67 0.72
CA LEU B 82 23.28 18.57 1.57
C LEU B 82 23.85 17.32 0.86
N GLU B 83 24.69 16.57 1.56
CA GLU B 83 25.41 15.44 1.00
C GLU B 83 24.89 14.14 1.55
N SER B 84 24.65 13.17 0.67
CA SER B 84 24.22 11.82 1.05
C SER B 84 25.38 11.06 1.72
N VAL B 85 25.10 10.37 2.84
CA VAL B 85 26.09 9.59 3.61
C VAL B 85 25.44 8.25 3.92
N ASP B 86 26.20 7.28 4.46
CA ASP B 86 25.64 5.99 4.90
C ASP B 86 25.34 6.25 6.38
N PRO B 87 24.05 6.29 6.82
CA PRO B 87 23.76 6.63 8.23
C PRO B 87 24.46 5.81 9.31
N LYS B 88 24.86 4.56 8.99
CA LYS B 88 25.52 3.71 9.97
C LYS B 88 26.90 4.16 10.40
N ASN B 89 27.61 4.93 9.55
CA ASN B 89 28.97 5.40 9.85
C ASN B 89 28.99 6.77 10.48
N TYR B 90 27.81 7.33 10.78
CA TYR B 90 27.72 8.69 11.30
C TYR B 90 26.83 8.81 12.53
N PRO B 91 27.08 9.78 13.44
CA PRO B 91 28.19 10.76 13.46
C PRO B 91 29.56 10.14 13.80
N LYS B 92 30.64 10.76 13.30
CA LYS B 92 32.04 10.35 13.57
C LYS B 92 32.65 11.39 14.51
N LYS B 93 33.52 10.97 15.44
CA LYS B 93 34.19 11.92 16.32
C LYS B 93 35.15 12.72 15.44
N LYS B 94 35.91 12.02 14.57
CA LYS B 94 36.78 12.61 13.55
C LYS B 94 35.93 12.82 12.27
N MET B 95 35.04 13.82 12.29
CA MET B 95 34.22 14.11 11.12
C MET B 95 35.10 14.74 10.01
N GLU B 96 34.78 14.46 8.75
CA GLU B 96 35.51 14.97 7.58
C GLU B 96 35.35 16.50 7.54
N LYS B 97 36.46 17.20 7.23
CA LYS B 97 36.62 18.67 7.22
C LYS B 97 35.47 19.41 6.56
N ARG B 98 34.98 18.90 5.42
CA ARG B 98 33.90 19.54 4.66
C ARG B 98 32.60 19.73 5.43
N PHE B 99 32.32 18.83 6.40
CA PHE B 99 31.10 18.83 7.22
C PHE B 99 31.23 19.66 8.50
N VAL B 100 32.44 20.19 8.78
CA VAL B 100 32.71 20.90 10.03
C VAL B 100 32.27 22.35 9.98
N PHE B 101 31.47 22.75 10.96
CA PHE B 101 31.05 24.12 11.15
C PHE B 101 31.51 24.61 12.53
N ASN B 102 31.99 25.86 12.57
CA ASN B 102 32.33 26.49 13.83
C ASN B 102 31.07 27.12 14.39
N LYS B 103 30.52 26.55 15.47
CA LYS B 103 29.33 27.09 16.14
C LYS B 103 29.79 28.23 17.05
N ILE B 104 29.39 29.46 16.70
CA ILE B 104 29.74 30.68 17.42
C ILE B 104 28.54 31.20 18.22
N GLU B 105 28.75 31.40 19.53
CA GLU B 105 27.76 31.96 20.44
C GLU B 105 28.11 33.43 20.65
N ILE B 106 27.28 34.34 20.10
CA ILE B 106 27.40 35.80 20.22
C ILE B 106 26.03 36.47 20.21
N ASN B 107 25.87 37.48 21.07
CA ASN B 107 24.62 38.26 21.24
C ASN B 107 23.44 37.32 21.55
N ASN B 108 23.69 36.24 22.34
CA ASN B 108 22.75 35.17 22.69
C ASN B 108 22.21 34.48 21.43
N LYS B 109 23.03 34.41 20.34
CA LYS B 109 22.59 33.75 19.08
C LYS B 109 23.63 32.78 18.53
N LEU B 110 23.20 31.95 17.55
CA LEU B 110 24.13 31.02 16.93
C LEU B 110 24.49 31.39 15.52
N GLU B 111 25.78 31.26 15.22
CA GLU B 111 26.35 31.44 13.89
C GLU B 111 27.14 30.19 13.54
N PHE B 112 26.96 29.72 12.29
CA PHE B 112 27.63 28.52 11.80
C PHE B 112 28.51 28.89 10.66
N GLU B 113 29.80 29.01 10.95
CA GLU B 113 30.84 29.34 10.00
C GLU B 113 31.39 28.05 9.47
N SER B 114 31.65 27.98 8.15
CA SER B 114 32.31 26.79 7.57
C SER B 114 33.75 26.78 8.09
N ALA B 115 34.22 25.63 8.61
CA ALA B 115 35.60 25.52 9.09
C ALA B 115 36.54 25.39 7.88
N GLN B 116 35.97 25.08 6.67
CA GLN B 116 36.65 25.01 5.36
C GLN B 116 36.81 26.39 4.71
N PHE B 117 35.84 27.30 4.96
CA PHE B 117 35.81 28.64 4.35
C PHE B 117 35.62 29.70 5.42
N PRO B 118 36.71 30.24 6.02
CA PRO B 118 36.56 31.28 7.03
C PRO B 118 35.74 32.46 6.51
N ASN B 119 34.88 33.03 7.37
CA ASN B 119 34.02 34.19 7.08
C ASN B 119 32.82 33.86 6.15
N TRP B 120 32.56 32.55 5.96
CA TRP B 120 31.40 32.06 5.22
C TRP B 120 30.48 31.36 6.17
N TYR B 121 29.22 31.77 6.20
CA TYR B 121 28.26 31.26 7.16
C TYR B 121 27.00 30.68 6.53
N ILE B 122 26.32 29.79 7.29
CA ILE B 122 24.99 29.31 6.96
C ILE B 122 24.11 30.57 7.01
N SER B 123 23.45 30.84 5.87
CA SER B 123 22.67 32.06 5.68
C SER B 123 21.28 31.86 5.07
N THR B 124 20.41 32.84 5.30
CA THR B 124 19.07 32.89 4.73
C THR B 124 18.92 34.27 4.14
N SER B 125 17.97 34.43 3.22
CA SER B 125 17.75 35.76 2.67
C SER B 125 16.60 36.39 3.46
N GLN B 126 16.44 37.73 3.33
CA GLN B 126 15.36 38.49 4.00
C GLN B 126 14.00 38.04 3.44
N ALA B 127 13.99 37.75 2.14
CA ALA B 127 12.85 37.32 1.34
C ALA B 127 12.35 35.97 1.82
N GLU B 128 11.04 35.73 1.66
CA GLU B 128 10.40 34.49 2.05
C GLU B 128 10.73 33.38 1.08
N ASN B 129 10.80 32.15 1.61
CA ASN B 129 10.93 30.93 0.87
C ASN B 129 12.04 30.86 -0.14
N MET B 130 13.23 31.28 0.28
CA MET B 130 14.40 31.19 -0.55
C MET B 130 15.32 30.09 0.05
N PRO B 131 16.17 29.43 -0.74
CA PRO B 131 17.02 28.38 -0.13
C PRO B 131 17.99 28.85 0.96
N VAL B 132 18.36 27.92 1.83
CA VAL B 132 19.40 28.17 2.83
C VAL B 132 20.72 28.07 1.99
N PHE B 133 21.72 28.90 2.30
CA PHE B 133 22.95 28.91 1.52
C PHE B 133 24.14 29.32 2.39
N LEU B 134 25.33 29.30 1.78
CA LEU B 134 26.56 29.79 2.38
C LEU B 134 26.78 31.22 1.91
N GLY B 135 26.78 32.17 2.85
CA GLY B 135 27.03 33.58 2.57
C GLY B 135 27.78 34.26 3.69
N GLY B 136 27.30 35.45 4.09
CA GLY B 136 27.88 36.27 5.15
C GLY B 136 28.31 37.65 4.69
N GLY B 139 30.02 44.75 3.96
CA GLY B 139 28.59 44.83 3.70
C GLY B 139 27.93 43.52 3.32
N GLY B 140 26.59 43.52 3.37
CA GLY B 140 25.75 42.38 3.02
C GLY B 140 24.37 42.39 3.67
N GLN B 141 23.41 41.58 3.11
CA GLN B 141 22.02 41.50 3.59
C GLN B 141 21.62 40.07 3.97
N ASP B 142 22.60 39.18 4.09
CA ASP B 142 22.31 37.80 4.46
C ASP B 142 22.08 37.70 5.98
N ILE B 143 21.16 36.83 6.38
CA ILE B 143 20.89 36.57 7.79
C ILE B 143 21.80 35.41 8.20
N THR B 144 22.64 35.60 9.22
CA THR B 144 23.58 34.57 9.69
C THR B 144 23.34 34.09 11.12
N ASP B 145 22.36 34.69 11.80
CA ASP B 145 22.02 34.37 13.20
C ASP B 145 20.85 33.47 13.32
N PHE B 146 20.97 32.47 14.22
CA PHE B 146 19.91 31.48 14.44
C PHE B 146 19.68 31.25 15.93
N THR B 147 18.50 30.67 16.24
CA THR B 147 18.07 30.23 17.57
C THR B 147 17.86 28.73 17.45
N MET B 148 18.25 27.97 18.47
CA MET B 148 18.06 26.52 18.44
C MET B 148 16.99 26.11 19.46
N GLN B 149 15.98 25.34 19.01
CA GLN B 149 14.91 24.86 19.88
C GLN B 149 15.07 23.36 19.95
N PHE B 150 14.82 22.77 21.12
CA PHE B 150 14.95 21.33 21.24
C PHE B 150 13.73 20.55 20.77
N VAL B 151 13.97 19.32 20.28
CA VAL B 151 12.88 18.53 19.73
C VAL B 151 12.26 17.65 20.77
N SER B 152 10.99 17.92 21.06
CA SER B 152 10.22 17.17 22.03
C SER B 152 9.10 16.41 21.31
N SER B 153 8.14 17.18 20.73
CA SER B 153 6.96 16.73 19.97
C SER B 153 6.03 15.86 20.81
N GLU C 1 18.41 1.96 -5.09
CA GLU C 1 17.24 2.21 -4.27
C GLU C 1 17.18 1.30 -3.05
N ILE C 2 16.72 1.84 -1.91
CA ILE C 2 16.53 1.07 -0.67
C ILE C 2 15.32 0.15 -0.81
N VAL C 3 15.55 -1.14 -0.55
CA VAL C 3 14.55 -2.20 -0.65
C VAL C 3 14.19 -2.59 0.78
N LEU C 4 12.90 -2.83 1.01
CA LEU C 4 12.40 -3.21 2.32
C LEU C 4 11.75 -4.56 2.22
N THR C 5 12.04 -5.44 3.18
CA THR C 5 11.41 -6.76 3.17
C THR C 5 10.64 -6.96 4.44
N GLN C 6 9.52 -7.66 4.36
CA GLN C 6 8.73 -7.88 5.56
C GLN C 6 8.53 -9.36 5.85
N SER C 7 8.64 -9.71 7.13
CA SER C 7 8.50 -11.06 7.65
C SER C 7 7.50 -11.13 8.82
N PRO C 8 6.55 -12.07 8.79
CA PRO C 8 6.30 -13.07 7.74
C PRO C 8 5.44 -12.46 6.65
N ASP C 9 5.06 -13.26 5.66
CA ASP C 9 4.14 -12.84 4.61
C ASP C 9 2.71 -12.83 5.19
N PHE C 10 2.40 -13.78 6.08
CA PHE C 10 1.11 -14.00 6.72
C PHE C 10 1.33 -14.37 8.16
N GLN C 11 0.46 -13.85 9.05
CA GLN C 11 0.56 -14.10 10.47
C GLN C 11 -0.82 -14.41 11.00
N SER C 12 -0.98 -15.49 11.74
CA SER C 12 -2.25 -15.88 12.36
C SER C 12 -2.11 -15.56 13.83
N VAL C 13 -3.07 -14.82 14.38
CA VAL C 13 -3.01 -14.32 15.74
C VAL C 13 -4.33 -14.54 16.46
N THR C 14 -4.23 -15.06 17.67
CA THR C 14 -5.39 -15.24 18.53
C THR C 14 -5.68 -13.84 19.15
N PRO C 15 -6.94 -13.37 19.24
CA PRO C 15 -7.19 -12.10 19.94
C PRO C 15 -6.60 -12.13 21.35
N LYS C 16 -5.99 -11.01 21.82
CA LYS C 16 -5.33 -10.81 23.12
C LYS C 16 -3.85 -11.19 23.11
N GLU C 17 -3.38 -11.74 22.00
CA GLU C 17 -1.98 -12.11 21.82
C GLU C 17 -1.10 -10.88 21.58
N LYS C 18 0.12 -10.92 22.10
CA LYS C 18 1.12 -9.91 21.82
C LYS C 18 1.80 -10.43 20.54
N VAL C 19 1.69 -9.68 19.46
CA VAL C 19 2.28 -10.08 18.17
C VAL C 19 3.34 -9.09 17.69
N THR C 20 4.42 -9.61 17.09
CA THR C 20 5.52 -8.83 16.53
C THR C 20 5.82 -9.22 15.07
N ILE C 21 5.88 -8.22 14.18
CA ILE C 21 6.16 -8.40 12.75
C ILE C 21 7.39 -7.55 12.40
N THR C 22 8.19 -7.98 11.45
CA THR C 22 9.43 -7.25 11.16
C THR C 22 9.45 -6.60 9.76
N CYS C 23 10.35 -5.65 9.61
CA CYS C 23 10.64 -4.94 8.38
C CYS C 23 12.16 -4.78 8.34
N ARG C 24 12.80 -5.16 7.24
CA ARG C 24 14.27 -5.05 7.09
C ARG C 24 14.60 -4.15 5.91
N ALA C 25 15.55 -3.23 6.09
CA ALA C 25 16.02 -2.34 5.02
C ALA C 25 17.35 -2.89 4.44
N SER C 26 17.53 -2.76 3.12
CA SER C 26 18.72 -3.18 2.37
C SER C 26 19.93 -2.30 2.69
N GLN C 27 19.69 -1.11 3.26
CA GLN C 27 20.72 -0.15 3.68
C GLN C 27 20.29 0.45 5.00
N SER C 28 21.21 1.05 5.76
CA SER C 28 20.87 1.74 7.01
C SER C 28 20.04 3.00 6.70
N ILE C 29 18.89 3.12 7.40
CA ILE C 29 17.90 4.18 7.22
C ILE C 29 17.64 5.03 8.48
N GLY C 30 18.51 4.90 9.48
CA GLY C 30 18.39 5.61 10.74
C GLY C 30 17.13 5.13 11.42
N SER C 31 16.22 6.06 11.68
CA SER C 31 14.91 5.74 12.24
C SER C 31 13.84 6.15 11.24
N SER C 32 14.19 6.40 9.96
CA SER C 32 13.16 6.88 9.01
C SER C 32 12.33 5.76 8.39
N LEU C 33 11.61 5.04 9.25
CA LEU C 33 10.80 3.89 8.86
C LEU C 33 9.41 4.03 9.49
N HIS C 34 8.37 4.01 8.65
CA HIS C 34 6.98 4.22 9.03
C HIS C 34 6.10 3.01 8.83
N TRP C 35 5.07 2.87 9.68
CA TRP C 35 4.17 1.70 9.64
C TRP C 35 2.78 2.14 9.34
N TYR C 36 2.11 1.39 8.46
CA TYR C 36 0.74 1.68 8.04
C TYR C 36 -0.13 0.46 8.18
N GLN C 37 -1.44 0.70 8.36
CA GLN C 37 -2.41 -0.39 8.42
C GLN C 37 -3.31 -0.27 7.19
N GLN C 38 -3.68 -1.37 6.57
CA GLN C 38 -4.61 -1.32 5.45
C GLN C 38 -5.58 -2.47 5.47
N LYS C 39 -6.87 -2.18 5.65
CA LYS C 39 -7.92 -3.19 5.58
C LYS C 39 -8.35 -3.35 4.09
N PRO C 40 -8.87 -4.53 3.66
CA PRO C 40 -9.21 -4.68 2.22
C PRO C 40 -10.25 -3.69 1.73
N ASP C 41 -10.00 -3.10 0.55
CA ASP C 41 -10.86 -2.10 -0.10
C ASP C 41 -11.14 -0.89 0.85
N GLN C 42 -10.06 -0.48 1.54
CA GLN C 42 -9.99 0.60 2.50
C GLN C 42 -8.67 1.36 2.30
N SER C 43 -8.70 2.62 2.61
CA SER C 43 -7.54 3.46 2.49
C SER C 43 -6.51 3.11 3.61
N PRO C 44 -5.17 3.09 3.35
CA PRO C 44 -4.21 2.81 4.44
C PRO C 44 -4.23 3.93 5.46
N LYS C 45 -3.75 3.66 6.65
CA LYS C 45 -3.66 4.66 7.70
C LYS C 45 -2.30 4.53 8.39
N LEU C 46 -1.74 5.67 8.79
CA LEU C 46 -0.45 5.72 9.48
C LEU C 46 -0.62 5.21 10.89
N LEU C 47 0.30 4.31 11.29
CA LEU C 47 0.29 3.79 12.67
C LEU C 47 1.42 4.36 13.50
N ILE C 48 2.66 4.23 13.00
CA ILE C 48 3.88 4.63 13.71
C ILE C 48 4.77 5.40 12.78
N LYS C 49 5.28 6.53 13.24
CA LYS C 49 6.21 7.34 12.45
C LYS C 49 7.60 7.29 13.09
N TYR C 50 8.64 7.32 12.26
CA TYR C 50 10.05 7.32 12.66
C TYR C 50 10.38 6.21 13.63
N ALA C 51 10.03 5.00 13.21
CA ALA C 51 10.27 3.75 13.90
C ALA C 51 9.49 3.48 15.16
N SER C 52 9.42 4.45 16.07
CA SER C 52 8.90 4.25 17.42
C SER C 52 7.98 5.35 17.96
N GLN C 53 7.76 6.41 17.19
CA GLN C 53 6.91 7.54 17.63
C GLN C 53 5.46 7.28 17.31
N SER C 54 4.62 7.62 18.28
CA SER C 54 3.16 7.52 18.19
C SER C 54 2.58 8.55 17.24
N PHE C 55 1.43 8.23 16.68
CA PHE C 55 0.69 9.13 15.80
C PHE C 55 -0.68 9.38 16.47
N SER C 56 -1.17 10.62 16.48
CA SER C 56 -2.45 10.94 17.12
C SER C 56 -3.61 10.09 16.61
N GLY C 57 -4.37 9.59 17.58
CA GLY C 57 -5.57 8.80 17.39
C GLY C 57 -5.32 7.31 17.23
N VAL C 58 -4.05 6.89 17.13
CA VAL C 58 -3.76 5.46 16.95
C VAL C 58 -3.89 4.74 18.31
N PRO C 59 -4.60 3.61 18.41
CA PRO C 59 -4.68 2.91 19.70
C PRO C 59 -3.30 2.59 20.24
N SER C 60 -3.16 2.67 21.57
CA SER C 60 -1.91 2.46 22.29
C SER C 60 -1.31 1.04 22.12
N ARG C 61 -2.09 0.07 21.58
CA ARG C 61 -1.63 -1.32 21.40
C ARG C 61 -0.57 -1.48 20.34
N PHE C 62 -0.54 -0.52 19.40
CA PHE C 62 0.44 -0.44 18.32
C PHE C 62 1.71 0.23 18.86
N SER C 63 2.84 -0.42 18.62
CA SER C 63 4.12 0.05 19.10
C SER C 63 5.17 -0.34 18.06
N GLY C 64 6.11 0.54 17.83
CA GLY C 64 7.19 0.30 16.90
C GLY C 64 8.49 0.48 17.63
N SER C 65 9.56 -0.21 17.16
CA SER C 65 10.92 -0.12 17.67
C SER C 65 11.90 -0.52 16.57
N GLY C 66 13.15 -0.12 16.74
CA GLY C 66 14.24 -0.47 15.83
C GLY C 66 14.93 0.77 15.28
N SER C 67 16.13 0.56 14.71
CA SER C 67 16.97 1.62 14.10
C SER C 67 17.93 0.95 13.10
N GLY C 68 18.54 1.72 12.21
CA GLY C 68 19.48 1.18 11.23
C GLY C 68 18.81 0.46 10.10
N THR C 69 18.80 -0.90 10.17
CA THR C 69 18.18 -1.78 9.15
C THR C 69 17.04 -2.64 9.71
N ASP C 70 16.97 -2.88 11.02
CA ASP C 70 15.96 -3.83 11.55
C ASP C 70 14.85 -3.19 12.34
N PHE C 71 13.61 -3.37 11.90
CA PHE C 71 12.48 -2.69 12.53
C PHE C 71 11.36 -3.64 12.89
N THR C 72 10.63 -3.32 13.99
CA THR C 72 9.52 -4.20 14.40
C THR C 72 8.28 -3.40 14.72
N LEU C 73 7.09 -4.00 14.44
CA LEU C 73 5.82 -3.43 14.81
C LEU C 73 5.20 -4.43 15.79
N THR C 74 4.82 -3.96 16.95
CA THR C 74 4.21 -4.79 17.97
C THR C 74 2.74 -4.42 18.10
N ILE C 75 1.86 -5.44 18.20
CA ILE C 75 0.45 -5.28 18.54
C ILE C 75 0.32 -5.88 19.93
N ASN C 76 0.26 -5.04 20.95
CA ASN C 76 0.12 -5.44 22.34
C ASN C 76 -1.33 -5.73 22.68
N SER C 77 -1.75 -7.01 22.50
CA SER C 77 -3.10 -7.56 22.66
C SER C 77 -3.94 -7.28 21.43
N LEU C 78 -3.84 -8.18 20.45
CA LEU C 78 -4.58 -8.04 19.19
C LEU C 78 -6.10 -8.08 19.40
N GLU C 79 -6.80 -7.22 18.68
CA GLU C 79 -8.26 -7.16 18.71
C GLU C 79 -8.74 -7.63 17.35
N ALA C 80 -9.97 -8.20 17.28
CA ALA C 80 -10.55 -8.72 16.03
C ALA C 80 -10.34 -7.74 14.86
N GLU C 81 -10.63 -6.45 15.06
CA GLU C 81 -10.49 -5.40 14.02
C GLU C 81 -9.05 -5.20 13.48
N ASP C 82 -8.05 -5.79 14.13
CA ASP C 82 -6.64 -5.68 13.72
C ASP C 82 -6.21 -6.57 12.53
N ALA C 83 -7.07 -7.50 12.03
CA ALA C 83 -6.80 -8.34 10.85
C ALA C 83 -6.76 -7.41 9.66
N ALA C 84 -5.59 -7.28 9.04
CA ALA C 84 -5.33 -6.27 8.03
C ALA C 84 -3.96 -6.50 7.47
N ALA C 85 -3.60 -5.73 6.42
CA ALA C 85 -2.27 -5.75 5.87
C ALA C 85 -1.48 -4.62 6.59
N TYR C 86 -0.22 -4.91 6.91
CA TYR C 86 0.68 -4.02 7.61
C TYR C 86 1.86 -3.72 6.76
N TYR C 87 2.02 -2.44 6.41
CA TYR C 87 3.14 -2.05 5.55
C TYR C 87 4.15 -1.16 6.27
N CYS C 88 5.45 -1.35 5.95
CA CYS C 88 6.47 -0.41 6.39
C CYS C 88 6.86 0.43 5.15
N HIS C 89 7.37 1.66 5.35
CA HIS C 89 7.80 2.56 4.28
C HIS C 89 8.98 3.38 4.78
N GLN C 90 10.00 3.57 3.90
CA GLN C 90 11.18 4.33 4.31
C GLN C 90 11.21 5.70 3.64
N SER C 91 11.68 6.71 4.38
CA SER C 91 11.78 8.08 3.87
C SER C 91 13.20 8.62 4.04
N SER C 92 14.16 7.76 4.33
CA SER C 92 15.58 8.15 4.49
C SER C 92 16.16 8.79 3.20
N SER C 93 15.87 8.17 2.04
CA SER C 93 16.29 8.64 0.73
C SER C 93 15.33 8.27 -0.39
N LEU C 94 15.43 9.07 -1.46
CA LEU C 94 14.66 8.91 -2.66
C LEU C 94 15.31 7.85 -3.59
N PRO C 95 14.49 7.09 -4.35
CA PRO C 95 13.00 7.10 -4.34
C PRO C 95 12.46 6.47 -3.08
N PHE C 96 11.28 6.91 -2.62
CA PHE C 96 10.67 6.33 -1.41
C PHE C 96 10.10 4.95 -1.73
N THR C 97 10.22 4.01 -0.77
CA THR C 97 9.79 2.62 -1.00
C THR C 97 8.96 2.08 0.15
N PHE C 98 8.07 1.14 -0.17
CA PHE C 98 7.26 0.39 0.78
C PHE C 98 7.79 -1.05 0.81
N GLY C 99 7.62 -1.72 1.94
CA GLY C 99 7.90 -3.15 2.07
C GLY C 99 6.74 -3.90 1.44
N PRO C 100 6.82 -5.23 1.21
CA PRO C 100 5.68 -5.92 0.55
C PRO C 100 4.45 -6.13 1.40
N GLY C 101 4.58 -5.95 2.72
CA GLY C 101 3.44 -6.09 3.62
C GLY C 101 3.37 -7.40 4.37
N THR C 102 2.64 -7.37 5.50
CA THR C 102 2.38 -8.58 6.29
C THR C 102 0.88 -8.64 6.46
N LYS C 103 0.26 -9.75 6.06
CA LYS C 103 -1.17 -9.91 6.28
C LYS C 103 -1.39 -10.63 7.60
N VAL C 104 -2.14 -9.99 8.49
CA VAL C 104 -2.40 -10.56 9.80
C VAL C 104 -3.84 -11.03 9.79
N ASP C 105 -4.10 -12.27 10.18
CA ASP C 105 -5.48 -12.74 10.29
C ASP C 105 -5.76 -13.29 11.70
N ILE C 106 -7.02 -13.72 11.93
CA ILE C 106 -7.49 -14.25 13.20
C ILE C 106 -7.35 -15.75 13.22
N LYS C 107 -6.58 -16.23 14.18
CA LYS C 107 -6.36 -17.65 14.42
C LYS C 107 -7.61 -18.22 15.06
N ARG C 108 -7.96 -19.43 14.68
CA ARG C 108 -9.07 -20.22 15.19
C ARG C 108 -8.66 -21.67 15.01
N THR C 109 -9.52 -22.63 15.47
CA THR C 109 -9.30 -24.05 15.36
C THR C 109 -9.16 -24.42 13.90
N VAL C 110 -8.24 -25.33 13.56
CA VAL C 110 -8.12 -25.86 12.20
C VAL C 110 -9.51 -26.32 11.70
N ALA C 111 -9.88 -25.89 10.51
CA ALA C 111 -11.16 -26.22 9.89
C ALA C 111 -10.88 -26.74 8.50
N ALA C 112 -11.26 -28.00 8.27
CA ALA C 112 -11.12 -28.67 7.00
C ALA C 112 -12.06 -28.05 5.95
N PRO C 113 -11.63 -27.91 4.68
CA PRO C 113 -12.56 -27.37 3.67
C PRO C 113 -13.60 -28.40 3.25
N SER C 114 -14.84 -27.92 2.96
CA SER C 114 -15.91 -28.74 2.43
C SER C 114 -15.74 -28.57 0.94
N VAL C 115 -15.41 -29.67 0.28
CA VAL C 115 -15.12 -29.69 -1.16
C VAL C 115 -16.30 -30.13 -2.02
N PHE C 116 -16.56 -29.36 -3.09
CA PHE C 116 -17.61 -29.59 -4.09
C PHE C 116 -17.02 -29.28 -5.45
N ILE C 117 -17.33 -30.12 -6.44
CA ILE C 117 -16.94 -29.99 -7.84
C ILE C 117 -18.23 -29.72 -8.66
N PHE C 118 -18.14 -28.81 -9.66
CA PHE C 118 -19.27 -28.48 -10.51
C PHE C 118 -18.88 -28.55 -11.99
N PRO C 119 -19.47 -29.50 -12.74
CA PRO C 119 -19.20 -29.58 -14.18
C PRO C 119 -19.74 -28.34 -14.91
N PRO C 120 -19.32 -28.10 -16.18
CA PRO C 120 -19.92 -26.99 -16.94
C PRO C 120 -21.38 -27.28 -17.26
N SER C 121 -22.20 -26.23 -17.35
CA SER C 121 -23.63 -26.33 -17.66
C SER C 121 -23.79 -26.65 -19.14
N ASP C 122 -25.01 -27.03 -19.55
CA ASP C 122 -25.27 -27.31 -20.95
C ASP C 122 -25.28 -26.01 -21.76
N GLU C 123 -25.85 -24.93 -21.18
CA GLU C 123 -25.97 -23.58 -21.75
C GLU C 123 -24.59 -22.91 -21.97
N GLN C 124 -23.62 -23.21 -21.09
CA GLN C 124 -22.28 -22.64 -21.26
C GLN C 124 -21.61 -23.19 -22.52
N LEU C 125 -21.30 -24.50 -22.51
CA LEU C 125 -20.62 -25.14 -23.63
C LEU C 125 -21.28 -24.96 -25.00
N LYS C 126 -22.57 -24.52 -25.03
CA LYS C 126 -23.30 -24.15 -26.25
C LYS C 126 -22.58 -22.98 -26.95
N SER C 127 -22.08 -22.01 -26.18
CA SER C 127 -21.33 -20.82 -26.62
C SER C 127 -19.82 -21.09 -26.90
N GLY C 128 -19.40 -22.36 -26.83
CA GLY C 128 -18.04 -22.79 -27.15
C GLY C 128 -17.02 -23.09 -26.06
N THR C 129 -17.25 -22.63 -24.80
CA THR C 129 -16.28 -22.85 -23.72
C THR C 129 -16.89 -23.60 -22.52
N ALA C 130 -16.07 -24.40 -21.80
CA ALA C 130 -16.47 -25.18 -20.63
C ALA C 130 -15.70 -24.75 -19.38
N SER C 131 -16.41 -24.64 -18.24
CA SER C 131 -15.84 -24.23 -16.94
C SER C 131 -16.08 -25.29 -15.86
N VAL C 132 -15.00 -25.76 -15.19
CA VAL C 132 -15.13 -26.70 -14.08
C VAL C 132 -14.74 -26.00 -12.77
N VAL C 133 -15.74 -25.75 -11.88
CA VAL C 133 -15.51 -25.05 -10.62
C VAL C 133 -15.31 -26.04 -9.47
N CYS C 134 -14.21 -25.89 -8.71
CA CYS C 134 -13.93 -26.66 -7.49
C CYS C 134 -14.05 -25.68 -6.32
N LEU C 135 -14.99 -25.95 -5.40
CA LEU C 135 -15.24 -25.09 -4.24
C LEU C 135 -14.68 -25.70 -3.00
N LEU C 136 -13.89 -24.92 -2.27
CA LEU C 136 -13.34 -25.28 -0.97
C LEU C 136 -14.08 -24.34 -0.05
N ASN C 137 -14.92 -24.87 0.79
CA ASN C 137 -15.74 -24.00 1.59
C ASN C 137 -15.41 -24.04 3.06
N ASN C 138 -15.39 -22.85 3.71
CA ASN C 138 -15.21 -22.64 5.14
C ASN C 138 -14.03 -23.38 5.77
N PHE C 139 -12.80 -22.95 5.43
CA PHE C 139 -11.60 -23.58 5.95
C PHE C 139 -10.66 -22.62 6.70
N TYR C 140 -9.80 -23.20 7.56
CA TYR C 140 -8.80 -22.48 8.31
C TYR C 140 -7.60 -23.41 8.65
N PRO C 141 -6.31 -23.01 8.44
CA PRO C 141 -5.80 -21.72 7.92
C PRO C 141 -6.02 -21.49 6.43
N ARG C 142 -5.63 -20.31 5.92
CA ARG C 142 -5.74 -19.83 4.52
C ARG C 142 -5.08 -20.77 3.55
N GLU C 143 -3.99 -21.44 3.98
CA GLU C 143 -3.23 -22.39 3.17
C GLU C 143 -4.00 -23.63 2.76
N ALA C 144 -4.19 -23.75 1.45
CA ALA C 144 -4.84 -24.87 0.80
C ALA C 144 -4.18 -25.11 -0.56
N LYS C 145 -4.05 -26.38 -0.93
CA LYS C 145 -3.49 -26.85 -2.19
C LYS C 145 -4.62 -27.50 -3.03
N VAL C 146 -4.81 -27.03 -4.28
CA VAL C 146 -5.80 -27.56 -5.24
C VAL C 146 -5.08 -28.00 -6.52
N GLN C 147 -5.19 -29.29 -6.85
CA GLN C 147 -4.62 -29.87 -8.05
C GLN C 147 -5.78 -30.45 -8.88
N TRP C 148 -5.79 -30.15 -10.18
CA TRP C 148 -6.81 -30.66 -11.09
C TRP C 148 -6.29 -31.90 -11.82
N LYS C 149 -7.10 -32.99 -11.83
CA LYS C 149 -6.82 -34.26 -12.52
C LYS C 149 -7.82 -34.45 -13.65
N VAL C 150 -7.31 -34.70 -14.87
CA VAL C 150 -8.12 -34.92 -16.08
C VAL C 150 -7.69 -36.28 -16.68
N ASP C 151 -8.46 -37.35 -16.30
CA ASP C 151 -8.20 -38.77 -16.60
C ASP C 151 -6.87 -39.19 -15.95
N ASN C 152 -6.74 -38.82 -14.66
CA ASN C 152 -5.59 -39.02 -13.78
C ASN C 152 -4.29 -38.36 -14.25
N ALA C 153 -4.45 -37.26 -15.04
CA ALA C 153 -3.36 -36.44 -15.55
C ALA C 153 -3.42 -35.05 -14.90
N LEU C 154 -2.29 -34.54 -14.39
CA LEU C 154 -2.28 -33.24 -13.73
C LEU C 154 -2.33 -32.08 -14.72
N GLN C 155 -3.12 -31.04 -14.39
CA GLN C 155 -3.31 -29.87 -15.24
C GLN C 155 -2.46 -28.70 -14.80
N SER C 156 -2.12 -27.81 -15.76
CA SER C 156 -1.33 -26.62 -15.52
C SER C 156 -1.65 -25.48 -16.47
N GLY C 157 -1.63 -24.26 -15.93
CA GLY C 157 -1.83 -23.00 -16.63
C GLY C 157 -3.18 -22.73 -17.26
N ASN C 158 -4.22 -23.50 -16.85
CA ASN C 158 -5.57 -23.37 -17.38
C ASN C 158 -6.61 -23.17 -16.26
N SER C 159 -6.13 -22.99 -15.01
CA SER C 159 -6.99 -22.78 -13.84
C SER C 159 -6.68 -21.47 -13.14
N GLN C 160 -7.73 -20.78 -12.64
CA GLN C 160 -7.63 -19.54 -11.85
C GLN C 160 -8.30 -19.72 -10.49
N GLU C 161 -7.59 -19.38 -9.42
CA GLU C 161 -8.14 -19.45 -8.10
C GLU C 161 -8.60 -18.07 -7.65
N SER C 162 -9.61 -18.03 -6.76
CA SER C 162 -10.11 -16.83 -6.09
C SER C 162 -10.40 -17.21 -4.65
N VAL C 163 -10.00 -16.35 -3.70
CA VAL C 163 -10.17 -16.61 -2.27
C VAL C 163 -10.94 -15.46 -1.66
N THR C 164 -11.94 -15.75 -0.82
CA THR C 164 -12.67 -14.69 -0.11
C THR C 164 -11.79 -14.11 1.03
N GLU C 165 -12.19 -12.96 1.59
CA GLU C 165 -11.56 -12.38 2.78
C GLU C 165 -12.03 -13.25 3.97
N GLN C 166 -11.31 -13.21 5.08
CA GLN C 166 -11.62 -13.98 6.27
C GLN C 166 -13.00 -13.60 6.79
N ASP C 167 -13.88 -14.60 7.01
CA ASP C 167 -15.23 -14.35 7.51
C ASP C 167 -15.17 -13.74 8.93
N SER C 168 -15.94 -12.64 9.17
CA SER C 168 -15.99 -11.88 10.44
C SER C 168 -16.61 -12.66 11.58
N LYS C 169 -17.38 -13.70 11.26
CA LYS C 169 -17.99 -14.55 12.28
C LYS C 169 -17.16 -15.82 12.50
N ASP C 170 -17.17 -16.77 11.57
CA ASP C 170 -16.45 -18.03 11.74
C ASP C 170 -14.93 -18.03 11.45
N SER C 171 -14.35 -16.88 11.06
CA SER C 171 -12.88 -16.74 10.79
C SER C 171 -12.33 -17.72 9.75
N THR C 172 -13.20 -18.20 8.85
CA THR C 172 -12.82 -19.14 7.79
C THR C 172 -12.67 -18.41 6.43
N TYR C 173 -12.09 -19.13 5.45
CA TYR C 173 -11.86 -18.70 4.08
C TYR C 173 -12.58 -19.67 3.21
N SER C 174 -12.96 -19.23 2.01
CA SER C 174 -13.53 -20.12 1.01
C SER C 174 -12.76 -19.84 -0.25
N LEU C 175 -12.63 -20.83 -1.11
CA LEU C 175 -11.83 -20.63 -2.30
C LEU C 175 -12.51 -21.30 -3.47
N SER C 176 -12.39 -20.70 -4.66
CA SER C 176 -12.86 -21.29 -5.90
C SER C 176 -11.64 -21.53 -6.78
N SER C 177 -11.60 -22.67 -7.46
CA SER C 177 -10.57 -23.01 -8.44
C SER C 177 -11.35 -23.31 -9.71
N THR C 178 -11.15 -22.50 -10.75
CA THR C 178 -11.93 -22.62 -11.99
C THR C 178 -11.08 -23.09 -13.17
N LEU C 179 -11.30 -24.35 -13.60
CA LEU C 179 -10.60 -24.94 -14.72
C LEU C 179 -11.36 -24.55 -16.00
N THR C 180 -10.67 -23.84 -16.92
CA THR C 180 -11.26 -23.43 -18.20
C THR C 180 -10.71 -24.28 -19.36
N LEU C 181 -11.61 -24.92 -20.11
CA LEU C 181 -11.27 -25.75 -21.27
C LEU C 181 -12.22 -25.46 -22.42
N SER C 182 -11.74 -25.56 -23.68
CA SER C 182 -12.58 -25.39 -24.87
C SER C 182 -13.60 -26.51 -24.88
N LYS C 183 -14.74 -26.32 -25.57
CA LYS C 183 -15.78 -27.35 -25.71
C LYS C 183 -15.13 -28.64 -26.24
N ALA C 184 -14.24 -28.53 -27.24
CA ALA C 184 -13.56 -29.69 -27.81
C ALA C 184 -12.71 -30.43 -26.77
N ASP C 185 -11.76 -29.73 -26.10
CA ASP C 185 -10.87 -30.32 -25.08
C ASP C 185 -11.64 -31.03 -23.96
N TYR C 186 -12.77 -30.43 -23.51
CA TYR C 186 -13.66 -30.98 -22.48
C TYR C 186 -14.33 -32.27 -22.99
N GLU C 187 -14.72 -32.31 -24.29
CA GLU C 187 -15.36 -33.47 -24.92
C GLU C 187 -14.39 -34.61 -25.26
N LYS C 188 -13.08 -34.35 -25.11
CA LYS C 188 -12.02 -35.32 -25.36
C LYS C 188 -11.80 -36.24 -24.15
N HIS C 189 -12.10 -35.73 -22.93
CA HIS C 189 -11.88 -36.47 -21.68
C HIS C 189 -13.13 -36.88 -20.90
N LYS C 190 -13.00 -37.87 -19.98
CA LYS C 190 -14.10 -38.41 -19.19
C LYS C 190 -14.04 -38.06 -17.71
N VAL C 191 -12.87 -38.26 -17.05
CA VAL C 191 -12.71 -37.99 -15.62
C VAL C 191 -12.12 -36.61 -15.33
N TYR C 192 -12.83 -35.84 -14.48
CA TYR C 192 -12.48 -34.52 -13.97
C TYR C 192 -12.55 -34.58 -12.47
N ALA C 193 -11.42 -34.33 -11.82
CA ALA C 193 -11.28 -34.39 -10.38
C ALA C 193 -10.45 -33.24 -9.86
N CYS C 194 -10.74 -32.81 -8.62
CA CYS C 194 -9.95 -31.83 -7.91
C CYS C 194 -9.56 -32.35 -6.52
N GLU C 195 -8.25 -32.41 -6.28
CA GLU C 195 -7.67 -32.92 -5.04
C GLU C 195 -7.26 -31.73 -4.15
N VAL C 196 -7.71 -31.77 -2.90
CA VAL C 196 -7.50 -30.70 -1.93
C VAL C 196 -6.67 -31.22 -0.78
N THR C 197 -5.60 -30.47 -0.46
CA THR C 197 -4.67 -30.79 0.62
C THR C 197 -4.79 -29.65 1.63
N HIS C 198 -5.15 -29.98 2.87
CA HIS C 198 -5.30 -28.99 3.93
C HIS C 198 -4.98 -29.63 5.28
N GLN C 199 -4.44 -28.82 6.23
CA GLN C 199 -4.05 -29.21 7.59
C GLN C 199 -5.18 -29.97 8.35
N GLY C 200 -6.43 -29.60 8.05
CA GLY C 200 -7.63 -30.18 8.63
C GLY C 200 -7.96 -31.54 8.07
N LEU C 201 -7.32 -31.93 6.94
CA LEU C 201 -7.53 -33.25 6.32
C LEU C 201 -6.29 -34.14 6.59
N SER C 202 -6.51 -35.34 7.17
CA SER C 202 -5.44 -36.31 7.50
C SER C 202 -4.80 -36.87 6.22
N SER C 203 -5.65 -37.02 5.19
CA SER C 203 -5.29 -37.47 3.85
C SER C 203 -5.99 -36.50 2.89
N PRO C 204 -5.33 -36.05 1.78
CA PRO C 204 -6.02 -35.15 0.83
C PRO C 204 -7.38 -35.68 0.34
N VAL C 205 -8.31 -34.76 0.01
CA VAL C 205 -9.67 -35.09 -0.47
C VAL C 205 -9.79 -34.88 -1.97
N THR C 206 -10.26 -35.91 -2.68
CA THR C 206 -10.53 -35.86 -4.12
C THR C 206 -12.04 -35.88 -4.35
N LYS C 207 -12.51 -34.96 -5.21
CA LYS C 207 -13.91 -34.84 -5.63
C LYS C 207 -13.88 -34.97 -7.12
N SER C 208 -14.59 -35.96 -7.66
CA SER C 208 -14.59 -36.22 -9.08
C SER C 208 -15.97 -36.42 -9.66
N PHE C 209 -16.04 -36.46 -10.99
CA PHE C 209 -17.22 -36.74 -11.79
C PHE C 209 -16.80 -37.27 -13.17
N ASN C 210 -17.61 -38.18 -13.70
CA ASN C 210 -17.39 -38.69 -15.06
C ASN C 210 -18.29 -37.82 -15.94
N ARG C 211 -17.70 -37.18 -16.98
CA ARG C 211 -18.42 -36.25 -17.87
C ARG C 211 -19.73 -36.82 -18.43
N GLY C 212 -20.85 -36.22 -18.02
CA GLY C 212 -22.20 -36.62 -18.43
C GLY C 212 -22.71 -37.93 -17.85
N GLU C 213 -22.25 -38.28 -16.63
CA GLU C 213 -22.61 -39.52 -15.92
C GLU C 213 -23.25 -39.19 -14.57
#